data_5MT6
#
_entry.id   5MT6
#
_cell.length_a   111.710
_cell.length_b   111.710
_cell.length_c   124.229
_cell.angle_alpha   90.00
_cell.angle_beta   90.00
_cell.angle_gamma   120.00
#
_symmetry.space_group_name_H-M   'H 3 2'
#
loop_
_entity.id
_entity.type
_entity.pdbx_description
1 polymer 'Rhomboid protease GlpG'
2 polymer ACE-ARG-VAL-ARG-HIS-ALA-V9C
3 non-polymer 'nonyl beta-D-glucopyranoside'
4 water water
#
loop_
_entity_poly.entity_id
_entity_poly.type
_entity_poly.pdbx_seq_one_letter_code
_entity_poly.pdbx_strand_id
1 'polypeptide(L)'
;ERAGPVTWVMMIACVVVFIAMQILGDQEVMLWLAWPFDPTLKFEFWRYFTHALMHFSLMHILFNLLWWWYLGGAVEKRLG
SGKLIVITLISALLSGYVQQKFSGPWFGGLSGVVYALMGYVWLRGERDPQSGIYLQRGLIIFALIWIVAGWFDLFGMSMA
NGAHIAGLAVGLAMAFVDSL
;
A
2 'polypeptide(L)' (ACE)RVRHA(V9C) B
#
# COMPACT_ATOMS: atom_id res chain seq x y z
N GLU A 1 -8.95 21.96 6.66
CA GLU A 1 -8.05 20.77 6.66
C GLU A 1 -8.24 19.94 5.39
N ARG A 2 -7.15 19.55 4.75
CA ARG A 2 -7.22 18.74 3.54
C ARG A 2 -5.93 17.96 3.29
N ALA A 3 -6.07 16.85 2.56
CA ALA A 3 -4.96 16.03 2.11
C ALA A 3 -3.81 16.85 1.51
N GLY A 4 -2.61 16.73 2.08
CA GLY A 4 -1.41 17.36 1.51
C GLY A 4 -1.04 16.81 0.13
N PRO A 5 0.06 17.34 -0.47
CA PRO A 5 0.45 17.00 -1.85
C PRO A 5 0.76 15.54 -2.12
N VAL A 6 1.42 14.84 -1.20
CA VAL A 6 1.77 13.43 -1.44
C VAL A 6 0.52 12.54 -1.40
N THR A 7 -0.41 12.86 -0.49
CA THR A 7 -1.66 12.09 -0.34
C THR A 7 -2.47 12.19 -1.62
N TRP A 8 -2.56 13.41 -2.09
CA TRP A 8 -3.22 13.78 -3.31
C TRP A 8 -2.62 13.15 -4.54
N VAL A 9 -1.32 13.35 -4.75
CA VAL A 9 -0.72 12.90 -6.01
C VAL A 9 -0.80 11.36 -6.14
N MET A 10 -0.66 10.61 -5.03
CA MET A 10 -0.89 9.14 -5.07
C MET A 10 -2.32 8.78 -5.46
N MET A 11 -3.30 9.50 -4.90
CA MET A 11 -4.70 9.30 -5.33
C MET A 11 -4.95 9.56 -6.81
N ILE A 12 -4.42 10.68 -7.34
CA ILE A 12 -4.63 10.97 -8.77
C ILE A 12 -3.94 9.93 -9.66
N ALA A 13 -2.73 9.53 -9.28
CA ALA A 13 -1.97 8.57 -10.05
C ALA A 13 -2.71 7.24 -10.14
N CYS A 14 -3.25 6.80 -9.02
CA CYS A 14 -4.06 5.59 -8.99
C CYS A 14 -5.33 5.65 -9.88
N VAL A 15 -5.99 6.82 -9.89
CA VAL A 15 -7.15 7.05 -10.72
C VAL A 15 -6.77 7.04 -12.21
N VAL A 16 -5.72 7.76 -12.55
CA VAL A 16 -5.24 7.78 -13.94
C VAL A 16 -4.91 6.38 -14.46
N VAL A 17 -4.19 5.59 -13.64
CA VAL A 17 -3.87 4.23 -13.99
C VAL A 17 -5.14 3.40 -14.11
N PHE A 18 -6.08 3.61 -13.19
CA PHE A 18 -7.33 2.87 -13.22
C PHE A 18 -8.16 3.14 -14.50
N ILE A 19 -8.18 4.40 -14.92
CA ILE A 19 -8.76 4.81 -16.19
C ILE A 19 -8.10 4.10 -17.37
N ALA A 20 -6.77 4.19 -17.40
CA ALA A 20 -6.01 3.50 -18.44
C ALA A 20 -6.28 2.01 -18.43
N MET A 21 -6.50 1.41 -17.27
CA MET A 21 -6.88 -0.01 -17.27
C MET A 21 -8.22 -0.31 -17.96
N GLN A 22 -9.18 0.60 -17.78
CA GLN A 22 -10.54 0.43 -18.34
C GLN A 22 -10.55 0.57 -19.89
N ILE A 23 -9.79 1.53 -20.40
CA ILE A 23 -9.62 1.74 -21.84
C ILE A 23 -8.72 0.67 -22.46
N LEU A 24 -7.54 0.44 -21.88
CA LEU A 24 -6.57 -0.46 -22.50
C LEU A 24 -6.72 -1.97 -22.17
N GLY A 25 -7.47 -2.29 -21.13
CA GLY A 25 -7.44 -3.64 -20.53
C GLY A 25 -6.36 -3.71 -19.45
N ASP A 26 -6.61 -4.53 -18.44
CA ASP A 26 -5.69 -4.67 -17.30
C ASP A 26 -4.36 -5.23 -17.75
N GLN A 27 -4.40 -6.14 -18.72
CA GLN A 27 -3.21 -6.84 -19.19
C GLN A 27 -2.24 -5.89 -19.86
N GLU A 28 -2.70 -4.93 -20.67
CA GLU A 28 -1.79 -3.97 -21.33
C GLU A 28 -1.14 -3.07 -20.30
N VAL A 29 -1.88 -2.65 -19.27
CA VAL A 29 -1.29 -1.78 -18.20
C VAL A 29 -0.28 -2.60 -17.37
N MET A 30 -0.62 -3.83 -17.01
CA MET A 30 0.31 -4.72 -16.34
C MET A 30 1.62 -4.96 -17.10
N LEU A 31 1.55 -5.02 -18.43
CA LEU A 31 2.78 -5.15 -19.24
C LEU A 31 3.75 -3.97 -18.99
N TRP A 32 3.20 -2.80 -18.73
CA TRP A 32 3.96 -1.59 -18.55
C TRP A 32 4.40 -1.39 -17.12
N LEU A 33 3.51 -1.69 -16.16
CA LEU A 33 3.69 -1.28 -14.75
C LEU A 33 3.98 -2.40 -13.75
N ALA A 34 3.87 -3.66 -14.14
CA ALA A 34 4.10 -4.77 -13.20
C ALA A 34 5.56 -5.00 -12.86
N TRP A 35 5.80 -5.56 -11.68
CA TRP A 35 7.13 -6.02 -11.26
C TRP A 35 7.75 -6.80 -12.44
N PRO A 36 9.07 -6.66 -12.68
CA PRO A 36 9.66 -7.31 -13.87
C PRO A 36 9.32 -8.80 -13.96
N PHE A 37 8.74 -9.20 -15.08
CA PHE A 37 8.31 -10.58 -15.27
C PHE A 37 9.22 -11.30 -16.29
N ASP A 38 10.25 -10.60 -16.75
CA ASP A 38 11.24 -11.10 -17.68
C ASP A 38 12.61 -10.43 -17.39
N PRO A 39 13.74 -11.19 -17.52
CA PRO A 39 15.08 -10.60 -17.25
C PRO A 39 15.41 -9.33 -18.07
N THR A 40 14.78 -9.18 -19.23
CA THR A 40 14.93 -7.97 -20.04
C THR A 40 14.32 -6.71 -19.41
N LEU A 41 13.48 -6.87 -18.38
CA LEU A 41 12.81 -5.73 -17.79
C LEU A 41 13.46 -5.29 -16.47
N LYS A 42 14.58 -5.92 -16.12
CA LYS A 42 15.14 -5.80 -14.76
C LYS A 42 15.68 -4.41 -14.42
N PHE A 43 16.06 -3.63 -15.43
CA PHE A 43 16.52 -2.24 -15.24
C PHE A 43 15.45 -1.14 -15.39
N GLU A 44 14.21 -1.52 -15.65
CA GLU A 44 13.09 -0.58 -15.69
C GLU A 44 12.59 -0.38 -14.24
N PHE A 45 13.29 0.53 -13.57
CA PHE A 45 13.31 0.68 -12.12
C PHE A 45 11.95 1.02 -11.53
N TRP A 46 11.14 1.71 -12.32
CA TRP A 46 9.78 2.09 -11.88
C TRP A 46 8.93 0.87 -11.50
N ARG A 47 9.11 -0.25 -12.21
CA ARG A 47 8.33 -1.47 -11.98
C ARG A 47 8.39 -2.06 -10.56
N TYR A 48 9.47 -1.79 -9.82
CA TYR A 48 9.60 -2.22 -8.43
C TYR A 48 8.64 -1.48 -7.48
N PHE A 49 8.06 -0.38 -7.98
CA PHE A 49 7.13 0.45 -7.23
C PHE A 49 5.71 0.55 -7.83
N THR A 50 5.61 0.59 -9.16
CA THR A 50 4.36 0.92 -9.87
C THR A 50 3.24 -0.15 -9.83
N HIS A 51 3.58 -1.39 -9.51
CA HIS A 51 2.61 -2.41 -9.12
C HIS A 51 1.62 -1.91 -8.05
N ALA A 52 2.05 -0.98 -7.23
CA ALA A 52 1.19 -0.33 -6.24
C ALA A 52 0.06 0.55 -6.85
N LEU A 53 0.24 1.04 -8.07
CA LEU A 53 -0.74 1.94 -8.73
C LEU A 53 -1.89 1.21 -9.47
N MET A 54 -1.83 -0.12 -9.53
CA MET A 54 -2.83 -0.90 -10.29
C MET A 54 -3.92 -1.49 -9.42
N HIS A 55 -5.20 -1.20 -9.75
CA HIS A 55 -6.34 -1.83 -9.11
C HIS A 55 -7.32 -2.45 -10.14
N PHE A 56 -7.89 -3.59 -9.78
CA PHE A 56 -8.58 -4.51 -10.69
C PHE A 56 -10.10 -4.45 -10.66
N SER A 57 -10.67 -3.70 -9.71
CA SER A 57 -12.12 -3.45 -9.67
C SER A 57 -12.42 -2.16 -8.88
N LEU A 58 -13.66 -1.71 -8.98
CA LEU A 58 -14.16 -0.58 -8.25
C LEU A 58 -13.91 -0.70 -6.75
N MET A 59 -14.25 -1.85 -6.16
CA MET A 59 -14.14 -2.05 -4.71
C MET A 59 -12.69 -2.14 -4.27
N HIS A 60 -11.86 -2.81 -5.08
CA HIS A 60 -10.41 -2.81 -4.88
C HIS A 60 -9.83 -1.40 -4.76
N ILE A 61 -10.10 -0.53 -5.74
CA ILE A 61 -9.58 0.83 -5.68
C ILE A 61 -10.18 1.67 -4.55
N LEU A 62 -11.50 1.61 -4.36
CA LEU A 62 -12.13 2.41 -3.28
C LEU A 62 -11.61 2.13 -1.88
N PHE A 63 -11.57 0.84 -1.51
CA PHE A 63 -11.04 0.43 -0.21
C PHE A 63 -9.58 0.81 -0.01
N ASN A 64 -8.75 0.57 -1.03
CA ASN A 64 -7.34 0.96 -1.00
C ASN A 64 -7.20 2.49 -0.79
N LEU A 65 -7.96 3.29 -1.54
CA LEU A 65 -7.81 4.75 -1.46
C LEU A 65 -8.43 5.38 -0.21
N LEU A 66 -9.52 4.81 0.30
CA LEU A 66 -10.11 5.25 1.56
C LEU A 66 -9.12 5.15 2.71
N TRP A 67 -8.50 3.99 2.88
CA TRP A 67 -7.46 3.83 3.90
C TRP A 67 -6.28 4.75 3.66
N TRP A 68 -5.82 4.82 2.42
CA TRP A 68 -4.68 5.69 2.09
C TRP A 68 -5.00 7.15 2.45
N TRP A 69 -6.18 7.61 2.06
CA TRP A 69 -6.59 8.98 2.31
C TRP A 69 -6.57 9.29 3.80
N TYR A 70 -7.10 8.37 4.61
CA TYR A 70 -7.13 8.56 6.04
C TYR A 70 -5.77 8.46 6.67
N LEU A 71 -5.08 7.34 6.43
CA LEU A 71 -3.82 7.06 7.13
C LEU A 71 -2.66 7.85 6.55
N GLY A 72 -2.55 7.86 5.23
CA GLY A 72 -1.59 8.70 4.53
C GLY A 72 -1.79 10.15 4.88
N GLY A 73 -3.05 10.59 4.85
CA GLY A 73 -3.44 11.95 5.30
C GLY A 73 -2.93 12.31 6.70
N ALA A 74 -3.15 11.40 7.66
CA ALA A 74 -2.68 11.58 9.04
C ALA A 74 -1.14 11.67 9.13
N VAL A 75 -0.40 10.76 8.48
CA VAL A 75 1.07 10.81 8.48
C VAL A 75 1.60 12.16 7.94
N GLU A 76 1.12 12.56 6.76
CA GLU A 76 1.55 13.76 6.09
C GLU A 76 1.25 15.04 6.90
N LYS A 77 0.05 15.14 7.46
CA LYS A 77 -0.30 16.25 8.35
C LYS A 77 0.60 16.29 9.60
N ARG A 78 0.75 15.16 10.31
CA ARG A 78 1.49 15.15 11.59
C ARG A 78 3.01 15.07 11.43
N LEU A 79 3.52 14.31 10.45
CA LEU A 79 4.96 14.09 10.31
C LEU A 79 5.56 14.62 9.01
N GLY A 80 4.73 15.20 8.15
CA GLY A 80 5.22 15.83 6.94
C GLY A 80 5.31 14.89 5.75
N SER A 81 5.27 15.52 4.58
CA SER A 81 5.39 14.89 3.29
C SER A 81 6.49 13.88 3.12
N GLY A 82 7.70 14.27 3.52
CA GLY A 82 8.90 13.45 3.33
C GLY A 82 8.73 12.06 3.90
N LYS A 83 8.17 12.00 5.11
CA LYS A 83 8.01 10.74 5.83
C LYS A 83 7.06 9.78 5.08
N LEU A 84 5.98 10.32 4.52
CA LEU A 84 5.01 9.52 3.74
C LEU A 84 5.64 8.98 2.50
N ILE A 85 6.46 9.78 1.83
CA ILE A 85 7.17 9.32 0.64
C ILE A 85 8.02 8.12 1.00
N VAL A 86 8.74 8.20 2.13
CA VAL A 86 9.70 7.16 2.46
C VAL A 86 8.98 5.88 2.90
N ILE A 87 7.96 6.03 3.73
CA ILE A 87 7.15 4.87 4.12
C ILE A 87 6.56 4.17 2.87
N THR A 88 6.08 4.95 1.90
CA THR A 88 5.46 4.39 0.68
C THR A 88 6.40 3.66 -0.20
N LEU A 89 7.57 4.26 -0.41
CA LEU A 89 8.62 3.62 -1.22
C LEU A 89 9.10 2.32 -0.64
N ILE A 90 9.36 2.31 0.66
CA ILE A 90 9.93 1.15 1.30
C ILE A 90 8.90 0.04 1.33
N SER A 91 7.68 0.37 1.73
CA SER A 91 6.61 -0.64 1.80
C SER A 91 6.27 -1.17 0.41
N ALA A 92 6.27 -0.31 -0.61
CA ALA A 92 5.96 -0.75 -1.99
C ALA A 92 7.01 -1.69 -2.50
N LEU A 93 8.26 -1.30 -2.28
CA LEU A 93 9.36 -2.11 -2.70
C LEU A 93 9.42 -3.47 -1.98
N LEU A 94 9.38 -3.47 -0.65
CA LEU A 94 9.49 -4.71 0.11
C LEU A 94 8.26 -5.61 -0.08
N SER A 95 7.07 -5.02 -0.04
CA SER A 95 5.86 -5.80 -0.20
C SER A 95 5.93 -6.49 -1.55
N GLY A 96 6.37 -5.76 -2.57
CA GLY A 96 6.52 -6.33 -3.88
C GLY A 96 7.49 -7.47 -3.98
N TYR A 97 8.63 -7.31 -3.31
CA TYR A 97 9.66 -8.35 -3.31
C TYR A 97 9.15 -9.64 -2.62
N VAL A 98 8.48 -9.50 -1.47
CA VAL A 98 7.96 -10.68 -0.82
C VAL A 98 6.84 -11.37 -1.63
N GLN A 99 5.94 -10.59 -2.22
CA GLN A 99 4.86 -11.15 -3.04
C GLN A 99 5.39 -11.93 -4.23
N GLN A 100 6.31 -11.36 -5.02
CA GLN A 100 6.82 -12.10 -6.18
C GLN A 100 7.56 -13.37 -5.80
N LYS A 101 8.25 -13.33 -4.67
CA LYS A 101 8.93 -14.50 -4.09
C LYS A 101 7.94 -15.63 -3.74
N PHE A 102 6.82 -15.29 -3.11
CA PHE A 102 5.71 -16.22 -2.85
C PHE A 102 5.09 -16.75 -4.14
N SER A 103 4.69 -15.85 -5.04
CA SER A 103 3.73 -16.18 -6.11
C SER A 103 3.95 -15.61 -7.53
N GLY A 104 5.16 -15.12 -7.81
CA GLY A 104 5.42 -14.44 -9.09
C GLY A 104 4.91 -13.00 -9.21
N PRO A 105 5.12 -12.39 -10.39
CA PRO A 105 5.05 -10.93 -10.55
C PRO A 105 3.66 -10.36 -10.86
N TRP A 106 2.64 -11.21 -10.93
CA TRP A 106 1.31 -10.78 -11.35
C TRP A 106 0.49 -10.49 -10.12
N PHE A 107 0.49 -9.21 -9.79
CA PHE A 107 -0.18 -8.69 -8.64
C PHE A 107 -0.21 -7.17 -8.75
N GLY A 108 -1.09 -6.57 -8.01
CA GLY A 108 -1.03 -5.13 -7.92
C GLY A 108 -1.95 -4.64 -6.85
N GLY A 109 -1.72 -3.41 -6.46
CA GLY A 109 -2.59 -2.68 -5.58
C GLY A 109 -1.82 -1.99 -4.46
N LEU A 110 -2.51 -1.14 -3.72
CA LEU A 110 -1.86 -0.22 -2.74
C LEU A 110 -1.88 -0.77 -1.30
N SER A 111 -2.29 -2.02 -1.17
CA SER A 111 -2.61 -2.62 0.12
C SER A 111 -1.39 -3.05 0.91
N GLY A 112 -0.26 -3.26 0.22
CA GLY A 112 1.06 -3.39 0.87
C GLY A 112 1.38 -2.12 1.68
N VAL A 113 1.17 -0.98 1.05
CA VAL A 113 1.45 0.34 1.67
C VAL A 113 0.46 0.63 2.78
N VAL A 114 -0.81 0.24 2.56
CA VAL A 114 -1.88 0.46 3.52
C VAL A 114 -1.63 -0.33 4.80
N TYR A 115 -1.39 -1.62 4.67
CA TYR A 115 -1.01 -2.42 5.83
C TYR A 115 0.20 -1.83 6.54
N ALA A 116 1.22 -1.36 5.79
CA ALA A 116 2.31 -0.61 6.45
C ALA A 116 1.80 0.57 7.23
N LEU A 117 0.97 1.40 6.61
CA LEU A 117 0.47 2.58 7.28
C LEU A 117 -0.30 2.24 8.57
N MET A 118 -1.12 1.19 8.53
CA MET A 118 -1.87 0.75 9.69
C MET A 118 -0.91 0.41 10.83
N GLY A 119 0.06 -0.45 10.56
CA GLY A 119 1.08 -0.85 11.52
C GLY A 119 1.86 0.34 12.08
N TYR A 120 2.23 1.26 11.20
CA TYR A 120 3.05 2.38 11.52
C TYR A 120 2.29 3.37 12.39
N VAL A 121 1.10 3.80 11.96
CA VAL A 121 0.33 4.80 12.70
C VAL A 121 0.01 4.23 14.10
N TRP A 122 -0.43 2.98 14.17
CA TRP A 122 -0.71 2.35 15.45
C TRP A 122 0.47 2.35 16.42
N LEU A 123 1.58 1.71 16.02
CA LEU A 123 2.71 1.49 16.90
C LEU A 123 3.45 2.77 17.28
N ARG A 124 3.39 3.76 16.41
CA ARG A 124 4.03 5.04 16.68
C ARG A 124 3.25 5.75 17.78
N GLY A 125 1.92 5.73 17.69
CA GLY A 125 1.07 6.27 18.74
C GLY A 125 1.29 5.62 20.10
N GLU A 126 1.33 4.29 20.11
CA GLU A 126 1.61 3.50 21.30
C GLU A 126 2.97 3.75 21.94
N ARG A 127 4.02 3.74 21.14
CA ARG A 127 5.38 3.89 21.66
C ARG A 127 5.85 5.34 21.85
N ASP A 128 5.17 6.27 21.20
CA ASP A 128 5.65 7.64 21.10
C ASP A 128 4.48 8.63 20.98
N PRO A 129 3.61 8.71 22.01
CA PRO A 129 2.53 9.73 21.99
C PRO A 129 2.99 11.17 21.68
N GLN A 130 4.19 11.55 22.10
CA GLN A 130 4.73 12.90 21.81
C GLN A 130 4.91 13.20 20.31
N SER A 131 4.95 12.16 19.47
CA SER A 131 4.91 12.31 17.99
C SER A 131 3.73 13.15 17.48
N GLY A 132 2.57 13.06 18.13
CA GLY A 132 1.36 13.76 17.69
C GLY A 132 0.47 12.93 16.76
N ILE A 133 0.80 11.64 16.56
CA ILE A 133 0.02 10.75 15.70
C ILE A 133 -0.35 9.51 16.47
N TYR A 134 -1.51 8.96 16.13
CA TYR A 134 -1.99 7.72 16.74
C TYR A 134 -3.19 7.21 15.96
N LEU A 135 -3.45 5.93 16.15
CA LEU A 135 -4.60 5.28 15.54
C LEU A 135 -5.71 5.30 16.57
N GLN A 136 -6.78 6.05 16.28
CA GLN A 136 -7.96 6.14 17.17
C GLN A 136 -8.62 4.78 17.38
N ARG A 137 -9.15 4.59 18.58
CA ARG A 137 -9.61 3.29 19.07
C ARG A 137 -10.50 2.59 18.09
N GLY A 138 -11.47 3.31 17.56
CA GLY A 138 -12.41 2.75 16.60
C GLY A 138 -11.76 2.23 15.35
N LEU A 139 -10.78 2.97 14.85
CA LEU A 139 -10.05 2.54 13.66
C LEU A 139 -9.06 1.44 13.93
N ILE A 140 -8.56 1.38 15.16
CA ILE A 140 -7.82 0.20 15.58
C ILE A 140 -8.70 -1.04 15.32
N ILE A 141 -9.99 -0.98 15.67
CA ILE A 141 -10.88 -2.15 15.45
C ILE A 141 -11.03 -2.45 13.99
N PHE A 142 -11.34 -1.44 13.18
CA PHE A 142 -11.58 -1.66 11.76
C PHE A 142 -10.30 -2.05 11.03
N ALA A 143 -9.18 -1.46 11.42
CA ALA A 143 -7.89 -1.91 10.93
C ALA A 143 -7.64 -3.37 11.32
N LEU A 144 -7.92 -3.70 12.58
CA LEU A 144 -7.74 -5.07 13.04
C LEU A 144 -8.61 -6.08 12.28
N ILE A 145 -9.85 -5.70 11.97
CA ILE A 145 -10.73 -6.53 11.12
C ILE A 145 -10.13 -6.70 9.74
N TRP A 146 -9.63 -5.59 9.17
CA TRP A 146 -8.94 -5.63 7.84
C TRP A 146 -7.80 -6.64 7.78
N ILE A 147 -6.98 -6.66 8.83
CA ILE A 147 -5.84 -7.56 8.92
C ILE A 147 -6.32 -8.99 9.02
N VAL A 148 -7.32 -9.23 9.87
CA VAL A 148 -7.96 -10.54 10.02
C VAL A 148 -8.56 -11.02 8.69
N ALA A 149 -9.21 -10.12 7.95
CA ALA A 149 -9.77 -10.46 6.64
C ALA A 149 -8.69 -10.81 5.63
N GLY A 150 -7.49 -10.24 5.79
CA GLY A 150 -6.32 -10.65 5.03
C GLY A 150 -5.77 -12.02 5.40
N TRP A 151 -5.48 -12.23 6.68
CA TRP A 151 -4.99 -13.54 7.14
C TRP A 151 -5.87 -14.72 6.73
N PHE A 152 -7.19 -14.52 6.74
CA PHE A 152 -8.17 -15.59 6.52
C PHE A 152 -8.90 -15.49 5.20
N ASP A 153 -8.44 -14.58 4.33
CA ASP A 153 -8.97 -14.44 2.96
C ASP A 153 -10.48 -14.31 2.95
N LEU A 154 -11.00 -13.31 3.66
CA LEU A 154 -12.43 -13.05 3.78
C LEU A 154 -12.95 -11.99 2.80
N PHE A 155 -12.10 -11.50 1.90
CA PHE A 155 -12.52 -10.42 1.00
C PHE A 155 -13.26 -10.91 -0.24
N GLY A 156 -13.26 -12.22 -0.50
CA GLY A 156 -13.84 -12.79 -1.73
C GLY A 156 -13.03 -12.52 -3.00
N MET A 157 -11.70 -12.63 -2.91
CA MET A 157 -10.83 -12.41 -4.09
C MET A 157 -9.41 -12.94 -3.91
N SER A 158 -8.71 -13.13 -5.04
CA SER A 158 -7.35 -13.64 -5.06
C SER A 158 -6.42 -12.65 -4.33
N MET A 159 -5.68 -13.11 -3.32
CA MET A 159 -5.00 -12.27 -2.32
C MET A 159 -3.51 -12.27 -2.49
N ALA A 160 -2.90 -11.09 -2.39
CA ALA A 160 -1.43 -10.97 -2.33
C ALA A 160 -0.93 -11.15 -0.88
N ASN A 161 -0.77 -12.41 -0.45
CA ASN A 161 -0.43 -12.74 0.96
C ASN A 161 0.93 -12.18 1.42
N GLY A 162 1.92 -12.27 0.53
CA GLY A 162 3.28 -11.79 0.76
C GLY A 162 3.38 -10.28 0.87
N ALA A 163 2.74 -9.58 -0.07
CA ALA A 163 2.60 -8.13 0.03
C ALA A 163 1.98 -7.71 1.38
N HIS A 164 0.95 -8.43 1.86
CA HIS A 164 0.26 -7.99 3.10
C HIS A 164 1.11 -8.14 4.33
N ILE A 165 1.70 -9.32 4.49
CA ILE A 165 2.53 -9.60 5.66
C ILE A 165 3.80 -8.72 5.67
N ALA A 166 4.47 -8.61 4.52
CA ALA A 166 5.66 -7.74 4.40
C ALA A 166 5.32 -6.27 4.65
N GLY A 167 4.16 -5.83 4.15
CA GLY A 167 3.73 -4.48 4.37
C GLY A 167 3.52 -4.15 5.83
N LEU A 168 2.76 -5.00 6.50
CA LEU A 168 2.53 -4.84 7.93
C LEU A 168 3.85 -4.82 8.72
N ALA A 169 4.75 -5.77 8.41
CA ALA A 169 6.06 -5.86 9.09
C ALA A 169 6.88 -4.59 9.00
N VAL A 170 6.90 -4.03 7.81
CA VAL A 170 7.66 -2.81 7.53
C VAL A 170 7.12 -1.60 8.29
N GLY A 171 5.79 -1.49 8.39
CA GLY A 171 5.20 -0.38 9.11
C GLY A 171 5.54 -0.43 10.59
N LEU A 172 5.51 -1.65 11.13
CA LEU A 172 5.86 -1.88 12.55
C LEU A 172 7.33 -1.58 12.80
N ALA A 173 8.18 -2.10 11.91
CA ALA A 173 9.62 -1.88 11.95
C ALA A 173 10.02 -0.42 11.84
N MET A 174 9.37 0.29 10.93
CA MET A 174 9.66 1.71 10.77
C MET A 174 9.18 2.51 11.95
N ALA A 175 8.02 2.12 12.52
CA ALA A 175 7.51 2.78 13.74
C ALA A 175 8.45 2.60 14.92
N PHE A 176 8.88 1.35 15.12
CA PHE A 176 9.87 1.02 16.16
C PHE A 176 11.10 1.91 16.06
N VAL A 177 11.63 1.98 14.84
CA VAL A 177 12.84 2.72 14.57
C VAL A 177 12.67 4.21 14.81
N ASP A 178 11.55 4.76 14.35
CA ASP A 178 11.26 6.20 14.52
C ASP A 178 10.91 6.58 15.96
N SER A 179 10.43 5.62 16.75
CA SER A 179 10.05 5.90 18.14
C SER A 179 11.24 5.96 19.11
N LEU A 180 12.46 5.67 18.63
CA LEU A 180 13.68 5.82 19.43
C LEU A 180 14.17 7.28 19.53
N ARG B 2 -6.34 -16.07 -11.31
CA ARG B 2 -6.66 -14.62 -11.15
C ARG B 2 -5.47 -13.86 -10.55
N VAL B 3 -5.13 -12.70 -11.14
CA VAL B 3 -4.15 -11.75 -10.58
C VAL B 3 -4.38 -11.52 -9.07
N ARG B 4 -3.31 -11.44 -8.30
CA ARG B 4 -3.42 -11.27 -6.85
C ARG B 4 -3.59 -9.81 -6.48
N HIS B 5 -4.51 -9.57 -5.56
CA HIS B 5 -4.97 -8.24 -5.15
C HIS B 5 -4.22 -7.86 -3.88
N ALA B 6 -3.49 -6.76 -3.96
CA ALA B 6 -2.82 -6.17 -2.81
C ALA B 6 -3.62 -4.98 -2.36
#